data_3OCZ
#
_entry.id   3OCZ
#
_cell.length_a   98.179
_cell.length_b   98.179
_cell.length_c   107.020
_cell.angle_alpha   90.000
_cell.angle_beta   90.000
_cell.angle_gamma   120.000
#
_symmetry.space_group_name_H-M   'P 65 2 2'
#
loop_
_entity.id
_entity.type
_entity.pdbx_description
1 polymer 'Lipoprotein E'
2 non-polymer 'MAGNESIUM ION'
3 non-polymer "ADENOSINE -5'-THIO-MONOPHOSPHATE"
4 water water
#
_entity_poly.entity_id   1
_entity_poly.type   'polypeptide(L)'
_entity_poly.pdbx_seq_one_letter_code
;MGSHQMKSEEHANMQLQQQAVLGLNWMQDSGEYKALAYQAYNAAKVAFDHAKVAKGKKKAVVADLDETMLDNSPYAGWQV
QNNKPFDGKDWTRWVDARQSRAVPGAVEFNNYVNSHNGKVFYVTNRKDSTEKSGTIDDMKRLGFNGVEESAFYLKKDKSA
KAARFAEIEKQGYEIVLYVGDNLDDFGNTVYGKLNADRRAFVDQNQGKFGKTFIMLPNANYGGWEGGLAEGYFKKDTQGQ
IKARLDAVQAWDGKLEHHHHHH
;
_entity_poly.pdbx_strand_id   A
#
# COMPACT_ATOMS: atom_id res chain seq x y z
N GLU A 9 -0.76 -23.04 17.81
CA GLU A 9 -1.88 -22.91 18.73
C GLU A 9 -2.99 -22.06 18.15
N GLU A 10 -4.21 -22.62 18.15
CA GLU A 10 -5.37 -21.91 17.63
C GLU A 10 -5.67 -20.68 18.49
N HIS A 11 -5.46 -20.81 19.79
CA HIS A 11 -5.68 -19.71 20.73
C HIS A 11 -4.82 -18.50 20.36
N ALA A 12 -3.54 -18.76 20.06
CA ALA A 12 -2.63 -17.69 19.70
C ALA A 12 -3.01 -17.05 18.38
N ASN A 13 -3.39 -17.88 17.40
CA ASN A 13 -3.82 -17.35 16.11
C ASN A 13 -5.04 -16.45 16.26
N MET A 14 -5.95 -16.83 17.12
CA MET A 14 -7.11 -16.04 17.34
CA MET A 14 -7.11 -16.04 17.37
C MET A 14 -6.73 -14.70 17.99
N GLN A 15 -5.94 -14.70 19.04
CA GLN A 15 -5.56 -13.45 19.67
C GLN A 15 -4.85 -12.52 18.68
N LEU A 16 -3.95 -13.07 17.89
CA LEU A 16 -3.21 -12.24 16.95
C LEU A 16 -4.17 -11.56 15.98
N GLN A 17 -5.11 -12.31 15.43
CA GLN A 17 -6.00 -11.73 14.44
C GLN A 17 -7.09 -10.84 15.08
N GLN A 18 -7.48 -11.12 16.31
CA GLN A 18 -8.46 -10.26 16.99
C GLN A 18 -7.93 -8.84 17.17
N GLN A 19 -6.61 -8.73 17.29
CA GLN A 19 -5.97 -7.44 17.48
C GLN A 19 -6.16 -6.49 16.28
N ALA A 20 -6.59 -7.04 15.15
CA ALA A 20 -6.80 -6.26 13.93
C ALA A 20 -8.24 -5.75 13.79
N VAL A 21 -9.13 -6.20 14.66
CA VAL A 21 -10.57 -5.99 14.43
C VAL A 21 -11.00 -4.52 14.38
N LEU A 22 -10.61 -3.74 15.37
CA LEU A 22 -11.10 -2.37 15.43
C LEU A 22 -10.60 -1.52 14.25
N GLY A 23 -9.32 -1.68 13.88
CA GLY A 23 -8.76 -0.98 12.74
C GLY A 23 -9.40 -1.42 11.43
N LEU A 24 -9.79 -2.69 11.35
CA LEU A 24 -10.50 -3.19 10.18
C LEU A 24 -11.89 -2.57 10.09
N ASN A 25 -12.60 -2.50 11.21
CA ASN A 25 -13.89 -1.82 11.24
C ASN A 25 -13.75 -0.38 10.74
N TRP A 26 -12.71 0.29 11.21
CA TRP A 26 -12.46 1.67 10.79
C TRP A 26 -12.25 1.75 9.27
N MET A 27 -11.37 0.90 8.75
CA MET A 27 -11.10 0.94 7.31
C MET A 27 -12.31 0.57 6.45
N GLN A 28 -13.06 -0.44 6.89
CA GLN A 28 -14.16 -0.95 6.08
C GLN A 28 -15.43 -0.12 6.17
N ASP A 29 -15.72 0.43 7.35
CA ASP A 29 -17.04 0.98 7.65
CA ASP A 29 -17.04 0.99 7.60
C ASP A 29 -17.06 2.51 7.76
N SER A 30 -15.95 3.10 8.20
CA SER A 30 -16.01 4.53 8.55
C SER A 30 -16.08 5.47 7.34
N GLY A 31 -16.82 6.56 7.50
CA GLY A 31 -16.72 7.65 6.54
C GLY A 31 -15.36 8.33 6.63
N GLU A 32 -14.78 8.34 7.83
CA GLU A 32 -13.48 8.97 8.04
C GLU A 32 -12.39 8.37 7.12
N TYR A 33 -12.37 7.04 6.98
CA TYR A 33 -11.42 6.41 6.08
C TYR A 33 -11.64 6.92 4.65
N LYS A 34 -12.89 6.95 4.19
CA LYS A 34 -13.17 7.45 2.84
C LYS A 34 -12.67 8.89 2.67
N ALA A 35 -12.88 9.71 3.70
CA ALA A 35 -12.48 11.10 3.65
C ALA A 35 -10.97 11.24 3.52
N LEU A 36 -10.22 10.38 4.21
CA LEU A 36 -8.77 10.37 4.08
C LEU A 36 -8.33 9.96 2.68
N ALA A 37 -9.03 9.00 2.08
CA ALA A 37 -8.71 8.58 0.71
C ALA A 37 -8.97 9.73 -0.26
N TYR A 38 -10.13 10.37 -0.13
CA TYR A 38 -10.43 11.52 -0.99
C TYR A 38 -9.42 12.65 -0.77
N GLN A 39 -9.05 12.91 0.48
CA GLN A 39 -8.05 13.94 0.78
C GLN A 39 -6.74 13.66 0.05
N ALA A 40 -6.29 12.41 0.11
CA ALA A 40 -5.06 12.03 -0.56
C ALA A 40 -5.15 12.24 -2.07
N TYR A 41 -6.23 11.75 -2.69
CA TYR A 41 -6.34 11.85 -4.14
C TYR A 41 -6.62 13.27 -4.60
N ASN A 42 -7.30 14.07 -3.78
CA ASN A 42 -7.47 15.49 -4.11
C ASN A 42 -6.10 16.19 -4.11
N ALA A 43 -5.28 15.91 -3.10
CA ALA A 43 -3.92 16.47 -3.04
C ALA A 43 -3.08 15.98 -4.21
N ALA A 44 -3.24 14.70 -4.56
CA ALA A 44 -2.46 14.13 -5.65
C ALA A 44 -2.75 14.85 -6.98
N LYS A 45 -4.02 15.16 -7.24
CA LYS A 45 -4.36 15.85 -8.49
CA LYS A 45 -4.35 15.84 -8.48
C LYS A 45 -3.71 17.23 -8.53
N VAL A 46 -3.76 17.95 -7.41
CA VAL A 46 -3.13 19.27 -7.34
C VAL A 46 -1.64 19.16 -7.66
N ALA A 47 -0.97 18.19 -7.04
CA ALA A 47 0.45 17.99 -7.27
C ALA A 47 0.75 17.63 -8.72
N PHE A 48 -0.06 16.74 -9.29
CA PHE A 48 0.13 16.35 -10.70
C PHE A 48 -0.01 17.55 -11.62
N ASP A 49 -1.06 18.34 -11.41
CA ASP A 49 -1.29 19.50 -12.26
C ASP A 49 -0.17 20.54 -12.15
N HIS A 50 0.43 20.66 -10.97
CA HIS A 50 1.52 21.63 -10.75
C HIS A 50 2.84 21.16 -11.33
N ALA A 51 3.01 19.85 -11.47
CA ALA A 51 4.32 19.28 -11.78
C ALA A 51 4.82 19.67 -13.14
N LYS A 52 6.11 20.00 -13.18
CA LYS A 52 6.81 20.24 -14.44
C LYS A 52 8.00 19.28 -14.49
N VAL A 53 8.28 18.74 -15.66
CA VAL A 53 9.40 17.82 -15.79
C VAL A 53 10.50 18.39 -16.67
N ALA A 54 11.67 17.77 -16.60
CA ALA A 54 12.81 18.19 -17.41
C ALA A 54 12.48 18.07 -18.89
N LYS A 55 13.09 18.94 -19.70
CA LYS A 55 12.90 18.90 -21.14
C LYS A 55 13.16 17.50 -21.67
N GLY A 56 12.26 17.02 -22.52
CA GLY A 56 12.43 15.71 -23.13
C GLY A 56 11.83 14.55 -22.36
N LYS A 57 11.46 14.78 -21.10
CA LYS A 57 10.89 13.73 -20.26
C LYS A 57 9.38 13.63 -20.42
N LYS A 58 8.84 12.43 -20.22
CA LYS A 58 7.40 12.24 -20.10
C LYS A 58 7.01 12.22 -18.62
N LYS A 59 5.80 12.67 -18.30
CA LYS A 59 5.35 12.73 -16.92
C LYS A 59 4.82 11.38 -16.47
N ALA A 60 5.40 10.82 -15.41
CA ALA A 60 4.90 9.60 -14.80
C ALA A 60 4.42 9.83 -13.39
N VAL A 61 3.39 9.07 -13.01
CA VAL A 61 2.99 8.95 -11.62
C VAL A 61 3.23 7.49 -11.24
N VAL A 62 3.87 7.25 -10.10
CA VAL A 62 4.02 5.90 -9.60
C VAL A 62 2.97 5.66 -8.53
N ALA A 63 2.20 4.59 -8.68
CA ALA A 63 1.19 4.23 -7.70
C ALA A 63 1.37 2.80 -7.22
N ASP A 64 1.29 2.62 -5.91
CA ASP A 64 1.11 1.32 -5.33
C ASP A 64 -0.30 0.82 -5.64
N LEU A 65 -0.51 -0.50 -5.57
CA LEU A 65 -1.86 -1.05 -5.67
C LEU A 65 -2.48 -1.38 -4.30
N ASP A 66 -1.92 -2.36 -3.60
CA ASP A 66 -2.60 -2.89 -2.41
C ASP A 66 -2.73 -1.88 -1.29
N GLU A 67 -3.97 -1.54 -0.95
CA GLU A 67 -4.29 -0.55 0.09
C GLU A 67 -3.95 0.90 -0.31
N THR A 68 -3.70 1.08 -1.60
CA THR A 68 -3.50 2.41 -2.16
C THR A 68 -4.53 2.70 -3.26
N MET A 69 -4.57 1.83 -4.28
CA MET A 69 -5.60 1.89 -5.31
C MET A 69 -6.61 0.75 -5.21
N LEU A 70 -6.15 -0.40 -4.70
CA LEU A 70 -7.01 -1.57 -4.52
C LEU A 70 -7.27 -1.79 -3.04
N ASP A 71 -8.52 -2.14 -2.73
CA ASP A 71 -9.00 -2.41 -1.38
C ASP A 71 -9.14 -3.93 -1.22
N ASN A 72 -8.28 -4.51 -0.38
CA ASN A 72 -8.25 -5.94 -0.10
C ASN A 72 -8.85 -6.28 1.26
N SER A 73 -9.60 -5.36 1.84
CA SER A 73 -10.10 -5.57 3.20
C SER A 73 -10.86 -6.88 3.42
N PRO A 74 -11.58 -7.39 2.39
CA PRO A 74 -12.25 -8.68 2.65
C PRO A 74 -11.29 -9.82 2.97
N TYR A 75 -10.07 -9.76 2.47
CA TYR A 75 -9.07 -10.76 2.85
C TYR A 75 -8.76 -10.64 4.35
N ALA A 76 -8.55 -9.42 4.82
CA ALA A 76 -8.35 -9.21 6.26
C ALA A 76 -9.55 -9.70 7.08
N GLY A 77 -10.76 -9.49 6.56
CA GLY A 77 -11.95 -10.00 7.21
C GLY A 77 -11.94 -11.51 7.32
N TRP A 78 -11.51 -12.17 6.24
CA TRP A 78 -11.37 -13.62 6.22
C TRP A 78 -10.34 -14.07 7.27
N GLN A 79 -9.26 -13.31 7.42
CA GLN A 79 -8.27 -13.65 8.45
C GLN A 79 -8.87 -13.60 9.84
N VAL A 80 -9.65 -12.55 10.09
CA VAL A 80 -10.29 -12.39 11.39
C VAL A 80 -11.26 -13.55 11.65
N GLN A 81 -12.10 -13.86 10.68
CA GLN A 81 -13.12 -14.87 10.89
C GLN A 81 -12.55 -16.29 11.01
N ASN A 82 -11.38 -16.50 10.41
CA ASN A 82 -10.80 -17.84 10.39
C ASN A 82 -9.52 -17.98 11.21
N ASN A 83 -9.19 -16.93 11.96
CA ASN A 83 -8.00 -16.93 12.81
C ASN A 83 -6.75 -17.30 12.01
N LYS A 84 -6.59 -16.66 10.85
CA LYS A 84 -5.50 -17.00 9.93
C LYS A 84 -4.45 -15.90 9.87
N PRO A 85 -3.22 -16.21 10.29
CA PRO A 85 -2.13 -15.25 10.08
C PRO A 85 -1.87 -15.12 8.58
N PHE A 86 -1.23 -14.03 8.18
CA PHE A 86 -0.97 -13.84 6.77
C PHE A 86 -0.16 -14.98 6.17
N ASP A 87 -0.60 -15.46 5.01
CA ASP A 87 0.11 -16.52 4.29
C ASP A 87 0.01 -16.19 2.81
N GLY A 88 1.15 -16.09 2.14
CA GLY A 88 1.17 -15.78 0.72
C GLY A 88 0.36 -16.73 -0.14
N LYS A 89 0.21 -17.98 0.32
CA LYS A 89 -0.56 -18.93 -0.46
C LYS A 89 -2.05 -18.59 -0.43
N ASP A 90 -2.53 -18.11 0.71
CA ASP A 90 -3.91 -17.67 0.80
C ASP A 90 -4.10 -16.39 -0.01
N TRP A 91 -3.10 -15.51 0.05
CA TRP A 91 -3.14 -14.26 -0.71
C TRP A 91 -3.30 -14.51 -2.21
N THR A 92 -2.56 -15.48 -2.75
CA THR A 92 -2.68 -15.79 -4.16
C THR A 92 -4.10 -16.23 -4.52
N ARG A 93 -4.73 -17.00 -3.64
CA ARG A 93 -6.12 -17.39 -3.87
C ARG A 93 -7.05 -16.18 -3.81
N TRP A 94 -6.84 -15.29 -2.83
CA TRP A 94 -7.60 -14.05 -2.76
C TRP A 94 -7.50 -13.27 -4.07
N VAL A 95 -6.29 -13.09 -4.58
CA VAL A 95 -6.12 -12.36 -5.83
C VAL A 95 -6.88 -13.04 -6.96
N ASP A 96 -6.77 -14.37 -7.04
CA ASP A 96 -7.43 -15.16 -8.08
C ASP A 96 -8.96 -15.09 -7.94
N ALA A 97 -9.44 -14.78 -6.74
CA ALA A 97 -10.88 -14.72 -6.51
C ALA A 97 -11.54 -13.54 -7.22
N ARG A 98 -10.75 -12.54 -7.59
CA ARG A 98 -11.23 -11.41 -8.37
C ARG A 98 -12.38 -10.70 -7.68
N GLN A 99 -12.12 -10.30 -6.43
CA GLN A 99 -13.11 -9.60 -5.62
C GLN A 99 -12.53 -8.32 -5.04
N SER A 100 -11.41 -7.85 -5.60
CA SER A 100 -10.82 -6.62 -5.10
C SER A 100 -11.76 -5.45 -5.35
N ARG A 101 -11.70 -4.46 -4.46
CA ARG A 101 -12.47 -3.23 -4.63
C ARG A 101 -11.51 -2.10 -4.91
N ALA A 102 -12.03 -0.92 -5.27
CA ALA A 102 -11.17 0.24 -5.49
C ALA A 102 -11.17 1.15 -4.25
N VAL A 103 -10.00 1.68 -3.93
CA VAL A 103 -9.91 2.72 -2.90
C VAL A 103 -10.62 3.98 -3.40
N PRO A 104 -11.39 4.64 -2.53
CA PRO A 104 -12.15 5.82 -3.00
C PRO A 104 -11.22 6.88 -3.62
N GLY A 105 -11.64 7.43 -4.75
CA GLY A 105 -10.87 8.46 -5.44
C GLY A 105 -9.79 7.95 -6.38
N ALA A 106 -9.41 6.68 -6.24
CA ALA A 106 -8.25 6.17 -6.99
C ALA A 106 -8.48 6.06 -8.50
N VAL A 107 -9.63 5.53 -8.89
CA VAL A 107 -9.92 5.35 -10.32
C VAL A 107 -9.98 6.71 -11.01
N GLU A 108 -10.67 7.66 -10.39
CA GLU A 108 -10.81 9.00 -10.97
C GLU A 108 -9.44 9.64 -11.16
N PHE A 109 -8.60 9.56 -10.14
CA PHE A 109 -7.26 10.14 -10.23
C PHE A 109 -6.43 9.45 -11.30
N ASN A 110 -6.43 8.12 -11.28
CA ASN A 110 -5.71 7.34 -12.29
C ASN A 110 -6.11 7.75 -13.70
N ASN A 111 -7.41 7.80 -13.95
CA ASN A 111 -7.88 8.07 -15.29
C ASN A 111 -7.64 9.53 -15.69
N TYR A 112 -7.68 10.44 -14.71
CA TYR A 112 -7.36 11.83 -14.97
C TYR A 112 -5.89 11.99 -15.40
N VAL A 113 -4.97 11.38 -14.64
CA VAL A 113 -3.56 11.45 -15.00
C VAL A 113 -3.37 10.95 -16.43
N ASN A 114 -3.98 9.80 -16.73
CA ASN A 114 -3.74 9.14 -18.01
C ASN A 114 -4.34 9.91 -19.20
N SER A 115 -5.30 10.79 -18.92
CA SER A 115 -5.92 11.60 -19.97
C SER A 115 -5.39 13.03 -19.99
N HIS A 116 -4.43 13.34 -19.13
CA HIS A 116 -3.86 14.69 -19.06
C HIS A 116 -2.34 14.68 -19.12
N ASN A 117 -1.83 14.00 -20.14
CA ASN A 117 -0.42 14.02 -20.49
C ASN A 117 0.47 13.36 -19.44
N GLY A 118 -0.10 12.43 -18.69
CA GLY A 118 0.68 11.63 -17.78
C GLY A 118 0.47 10.14 -17.99
N LYS A 119 1.23 9.33 -17.27
CA LYS A 119 1.02 7.89 -17.26
C LYS A 119 1.23 7.38 -15.86
N VAL A 120 0.26 6.65 -15.34
CA VAL A 120 0.41 5.96 -14.06
C VAL A 120 1.05 4.60 -14.30
N PHE A 121 2.13 4.33 -13.57
CA PHE A 121 2.72 3.00 -13.54
C PHE A 121 2.43 2.37 -12.19
N TYR A 122 2.02 1.11 -12.21
CA TYR A 122 1.64 0.38 -10.99
C TYR A 122 2.84 -0.42 -10.51
N VAL A 123 3.47 0.06 -9.43
CA VAL A 123 4.62 -0.65 -8.88
C VAL A 123 4.10 -1.34 -7.63
N THR A 124 4.03 -2.67 -7.71
CA THR A 124 3.17 -3.45 -6.82
C THR A 124 3.81 -4.76 -6.47
N ASN A 125 3.61 -5.20 -5.23
CA ASN A 125 4.15 -6.48 -4.81
C ASN A 125 3.18 -7.66 -4.93
N ARG A 126 2.06 -7.45 -5.62
CA ARG A 126 1.39 -8.60 -6.22
C ARG A 126 2.38 -9.26 -7.16
N LYS A 127 2.32 -10.58 -7.26
CA LYS A 127 3.34 -11.34 -7.98
C LYS A 127 3.11 -11.38 -9.47
N ASP A 128 4.15 -11.07 -10.25
CA ASP A 128 4.06 -11.09 -11.69
C ASP A 128 3.63 -12.44 -12.23
N SER A 129 4.15 -13.52 -11.66
CA SER A 129 3.96 -14.85 -12.24
C SER A 129 2.65 -15.53 -11.88
N THR A 130 2.07 -15.19 -10.73
CA THR A 130 0.90 -15.92 -10.23
C THR A 130 -0.31 -15.04 -9.92
N GLU A 131 -0.11 -13.73 -9.86
CA GLU A 131 -1.15 -12.81 -9.39
C GLU A 131 -1.49 -11.73 -10.40
N LYS A 132 -0.86 -11.77 -11.57
CA LYS A 132 -1.09 -10.76 -12.58
C LYS A 132 -2.49 -10.81 -13.20
N SER A 133 -2.94 -12.01 -13.57
CA SER A 133 -4.21 -12.12 -14.29
CA SER A 133 -4.22 -12.16 -14.27
C SER A 133 -5.39 -11.58 -13.47
N GLY A 134 -5.48 -11.95 -12.20
CA GLY A 134 -6.55 -11.45 -11.36
C GLY A 134 -6.47 -9.95 -11.15
N THR A 135 -5.26 -9.43 -10.99
CA THR A 135 -5.05 -8.01 -10.78
C THR A 135 -5.57 -7.20 -11.96
N ILE A 136 -5.17 -7.60 -13.16
CA ILE A 136 -5.58 -6.88 -14.35
C ILE A 136 -7.08 -6.99 -14.58
N ASP A 137 -7.63 -8.17 -14.39
CA ASP A 137 -9.07 -8.33 -14.56
C ASP A 137 -9.86 -7.46 -13.58
N ASP A 138 -9.46 -7.47 -12.31
CA ASP A 138 -10.13 -6.62 -11.33
C ASP A 138 -10.03 -5.15 -11.68
N MET A 139 -8.84 -4.70 -12.09
CA MET A 139 -8.63 -3.30 -12.42
CA MET A 139 -8.69 -3.29 -12.40
C MET A 139 -9.50 -2.86 -13.60
N LYS A 140 -9.60 -3.72 -14.61
CA LYS A 140 -10.48 -3.42 -15.74
C LYS A 140 -11.92 -3.28 -15.26
N ARG A 141 -12.37 -4.26 -14.47
CA ARG A 141 -13.73 -4.28 -13.96
C ARG A 141 -14.04 -3.04 -13.11
N LEU A 142 -13.06 -2.61 -12.33
CA LEU A 142 -13.24 -1.49 -11.41
C LEU A 142 -13.22 -0.13 -12.12
N GLY A 143 -12.86 -0.12 -13.40
CA GLY A 143 -12.93 1.10 -14.19
C GLY A 143 -11.63 1.81 -14.47
N PHE A 144 -10.50 1.24 -14.05
CA PHE A 144 -9.21 1.85 -14.32
C PHE A 144 -8.91 1.83 -15.82
N ASN A 145 -8.49 2.98 -16.36
CA ASN A 145 -7.95 3.06 -17.72
C ASN A 145 -6.43 2.86 -17.67
N GLY A 146 -5.85 2.41 -18.77
CA GLY A 146 -4.40 2.30 -18.86
C GLY A 146 -3.84 1.07 -18.15
N VAL A 147 -4.60 -0.02 -18.16
CA VAL A 147 -4.16 -1.23 -17.47
C VAL A 147 -3.68 -2.33 -18.42
N GLU A 148 -3.08 -1.90 -19.52
CA GLU A 148 -2.32 -2.83 -20.35
C GLU A 148 -1.14 -3.38 -19.53
N GLU A 149 -0.65 -4.56 -19.91
CA GLU A 149 0.34 -5.24 -19.07
C GLU A 149 1.59 -4.41 -18.84
N SER A 150 1.98 -3.61 -19.83
CA SER A 150 3.21 -2.83 -19.73
C SER A 150 3.12 -1.68 -18.73
N ALA A 151 1.93 -1.40 -18.20
CA ALA A 151 1.79 -0.35 -17.18
C ALA A 151 2.18 -0.90 -15.80
N PHE A 152 2.31 -2.21 -15.69
CA PHE A 152 2.54 -2.88 -14.42
C PHE A 152 3.99 -3.27 -14.21
N TYR A 153 4.48 -3.00 -13.01
CA TYR A 153 5.76 -3.51 -12.54
C TYR A 153 5.50 -4.36 -11.30
N LEU A 154 5.01 -5.56 -11.53
CA LEU A 154 4.69 -6.52 -10.48
C LEU A 154 5.95 -7.17 -9.93
N LYS A 155 5.83 -7.80 -8.76
CA LYS A 155 6.99 -8.37 -8.11
C LYS A 155 7.54 -9.58 -8.85
N LYS A 156 8.85 -9.57 -9.06
CA LYS A 156 9.55 -10.71 -9.58
C LYS A 156 10.41 -11.28 -8.45
N ASP A 157 11.60 -10.74 -8.24
CA ASP A 157 12.53 -11.31 -7.27
C ASP A 157 12.76 -10.50 -6.00
N LYS A 158 12.31 -9.24 -5.99
CA LYS A 158 12.58 -8.37 -4.86
C LYS A 158 11.34 -7.57 -4.47
N SER A 159 11.07 -7.46 -3.16
CA SER A 159 9.94 -6.66 -2.70
C SER A 159 10.28 -5.17 -2.65
N ALA A 160 11.55 -4.83 -2.42
CA ALA A 160 11.93 -3.42 -2.44
C ALA A 160 11.67 -2.84 -3.83
N LYS A 161 11.18 -1.61 -3.89
CA LYS A 161 10.61 -1.05 -5.12
C LYS A 161 11.51 -0.10 -5.91
N ALA A 162 12.61 0.36 -5.31
CA ALA A 162 13.43 1.38 -5.97
C ALA A 162 13.93 0.97 -7.35
N ALA A 163 14.29 -0.31 -7.52
CA ALA A 163 14.82 -0.73 -8.81
C ALA A 163 13.76 -0.61 -9.92
N ARG A 164 12.50 -0.89 -9.57
CA ARG A 164 11.42 -0.72 -10.52
C ARG A 164 11.19 0.76 -10.83
N PHE A 165 11.32 1.63 -9.84
CA PHE A 165 11.23 3.07 -10.11
C PHE A 165 12.30 3.45 -11.14
N ALA A 166 13.50 2.93 -10.96
CA ALA A 166 14.60 3.24 -11.89
C ALA A 166 14.31 2.71 -13.29
N GLU A 167 13.63 1.57 -13.40
CA GLU A 167 13.28 1.04 -14.72
C GLU A 167 12.38 2.02 -15.45
N ILE A 168 11.42 2.58 -14.73
CA ILE A 168 10.50 3.55 -15.30
C ILE A 168 11.26 4.79 -15.81
N GLU A 169 12.18 5.28 -15.00
CA GLU A 169 12.98 6.44 -15.39
C GLU A 169 13.83 6.14 -16.64
N LYS A 170 14.34 4.92 -16.75
CA LYS A 170 15.14 4.51 -17.90
C LYS A 170 14.34 4.52 -19.19
N GLN A 171 13.02 4.42 -19.06
CA GLN A 171 12.13 4.46 -20.23
C GLN A 171 11.76 5.88 -20.63
N GLY A 172 12.42 6.86 -20.03
CA GLY A 172 12.26 8.25 -20.45
C GLY A 172 11.23 9.04 -19.67
N TYR A 173 10.83 8.52 -18.51
CA TYR A 173 9.87 9.19 -17.65
C TYR A 173 10.54 9.91 -16.51
N GLU A 174 9.96 11.04 -16.12
CA GLU A 174 10.28 11.64 -14.85
C GLU A 174 9.10 11.40 -13.93
N ILE A 175 9.36 10.81 -12.76
CA ILE A 175 8.30 10.51 -11.80
C ILE A 175 7.95 11.78 -11.02
N VAL A 176 6.73 12.29 -11.20
CA VAL A 176 6.38 13.56 -10.56
C VAL A 176 5.82 13.40 -9.15
N LEU A 177 5.29 12.23 -8.84
CA LEU A 177 4.81 11.94 -7.49
C LEU A 177 4.60 10.44 -7.33
N TYR A 178 4.58 10.01 -6.08
CA TYR A 178 4.39 8.62 -5.68
C TYR A 178 3.18 8.54 -4.79
N VAL A 179 2.38 7.49 -4.96
CA VAL A 179 1.21 7.26 -4.11
C VAL A 179 1.37 5.91 -3.42
N GLY A 180 1.15 5.87 -2.11
CA GLY A 180 1.30 4.61 -1.39
C GLY A 180 0.70 4.64 0.00
N ASP A 181 0.67 3.47 0.64
CA ASP A 181 0.23 3.33 2.03
C ASP A 181 1.37 2.89 2.94
N ASN A 182 2.54 2.68 2.34
CA ASN A 182 3.71 2.13 3.04
C ASN A 182 4.89 3.02 2.66
N LEU A 183 5.74 3.40 3.61
CA LEU A 183 6.89 4.24 3.28
C LEU A 183 7.78 3.61 2.22
N ASP A 184 7.76 2.28 2.11
CA ASP A 184 8.59 1.59 1.11
C ASP A 184 8.06 1.81 -0.31
N ASP A 185 6.90 2.46 -0.42
CA ASP A 185 6.37 2.89 -1.71
C ASP A 185 7.03 4.16 -2.21
N PHE A 186 7.93 4.74 -1.41
CA PHE A 186 8.60 6.00 -1.76
C PHE A 186 10.09 5.83 -2.02
N GLY A 187 10.59 4.61 -1.87
CA GLY A 187 12.01 4.35 -2.04
C GLY A 187 12.47 3.24 -1.13
N ASN A 188 13.79 2.99 -1.07
CA ASN A 188 14.34 1.87 -0.32
C ASN A 188 15.02 2.26 0.98
N THR A 189 15.06 3.54 1.32
CA THR A 189 15.98 3.93 2.38
C THR A 189 15.61 3.42 3.77
N VAL A 190 14.34 3.04 3.98
CA VAL A 190 13.97 2.42 5.25
C VAL A 190 13.37 1.03 5.07
N TYR A 191 13.63 0.43 3.91
CA TYR A 191 13.15 -0.92 3.65
C TYR A 191 13.81 -1.89 4.63
N GLY A 192 13.00 -2.69 5.32
CA GLY A 192 13.50 -3.66 6.28
C GLY A 192 13.95 -3.06 7.60
N LYS A 193 13.77 -1.76 7.78
CA LYS A 193 14.22 -1.08 9.01
C LYS A 193 13.11 -1.02 10.04
N LEU A 194 13.50 -0.76 11.29
CA LEU A 194 12.54 -0.68 12.38
C LEU A 194 11.88 0.69 12.41
N ASN A 195 10.82 0.81 13.20
CA ASN A 195 9.99 2.00 13.13
C ASN A 195 10.67 3.31 13.53
N ALA A 196 11.67 3.27 14.42
CA ALA A 196 12.37 4.51 14.75
C ALA A 196 13.01 5.11 13.49
N ASP A 197 13.67 4.28 12.70
CA ASP A 197 14.30 4.76 11.47
C ASP A 197 13.23 5.23 10.46
N ARG A 198 12.10 4.54 10.45
CA ARG A 198 11.02 4.90 9.53
C ARG A 198 10.38 6.24 9.90
N ARG A 199 10.15 6.48 11.19
CA ARG A 199 9.68 7.78 11.64
C ARG A 199 10.69 8.87 11.30
N ALA A 200 11.98 8.58 11.46
CA ALA A 200 13.03 9.55 11.13
C ALA A 200 13.01 9.95 9.66
N PHE A 201 12.82 8.97 8.78
CA PHE A 201 12.67 9.24 7.35
C PHE A 201 11.52 10.20 7.10
N VAL A 202 10.40 9.97 7.76
CA VAL A 202 9.24 10.84 7.57
C VAL A 202 9.57 12.26 8.05
N ASP A 203 10.18 12.40 9.21
CA ASP A 203 10.55 13.73 9.70
C ASP A 203 11.49 14.43 8.73
N GLN A 204 12.43 13.68 8.15
CA GLN A 204 13.38 14.24 7.20
C GLN A 204 12.75 14.65 5.87
N ASN A 205 11.51 14.23 5.64
CA ASN A 205 10.82 14.54 4.39
C ASN A 205 9.46 15.17 4.65
N GLN A 206 9.34 15.85 5.79
CA GLN A 206 8.07 16.38 6.26
C GLN A 206 7.28 17.15 5.18
N GLY A 207 7.98 17.99 4.44
CA GLY A 207 7.33 18.85 3.47
C GLY A 207 6.84 18.15 2.21
N LYS A 208 7.29 16.92 1.98
CA LYS A 208 6.93 16.22 0.77
C LYS A 208 5.56 15.56 0.85
N PHE A 209 5.07 15.32 2.06
CA PHE A 209 3.82 14.59 2.21
C PHE A 209 2.61 15.43 1.80
N GLY A 210 1.80 14.86 0.93
CA GLY A 210 0.68 15.60 0.35
C GLY A 210 1.11 16.40 -0.86
N LYS A 211 2.38 16.30 -1.23
CA LYS A 211 2.91 16.97 -2.40
C LYS A 211 3.45 15.90 -3.34
N THR A 212 4.71 15.49 -3.17
CA THR A 212 5.29 14.45 -4.01
C THR A 212 5.18 13.02 -3.45
N PHE A 213 4.96 12.89 -2.14
CA PHE A 213 4.66 11.59 -1.52
C PHE A 213 3.22 11.66 -1.01
N ILE A 214 2.32 10.91 -1.65
CA ILE A 214 0.91 10.92 -1.28
C ILE A 214 0.60 9.66 -0.47
N MET A 215 0.07 9.86 0.75
CA MET A 215 -0.16 8.77 1.69
C MET A 215 -1.63 8.36 1.78
N LEU A 216 -1.85 7.03 1.77
CA LEU A 216 -3.16 6.45 2.10
C LEU A 216 -3.03 5.71 3.44
N PRO A 217 -4.12 5.66 4.23
CA PRO A 217 -4.05 5.02 5.55
C PRO A 217 -4.21 3.49 5.51
N ASN A 218 -3.36 2.79 6.26
CA ASN A 218 -3.49 1.35 6.38
C ASN A 218 -3.09 0.92 7.78
N ALA A 219 -4.10 0.68 8.61
CA ALA A 219 -3.88 0.30 10.01
C ALA A 219 -3.82 -1.22 10.20
N ASN A 220 -3.83 -1.96 9.09
CA ASN A 220 -3.97 -3.40 9.14
C ASN A 220 -2.67 -4.19 8.93
N TYR A 221 -1.79 -3.71 8.07
CA TYR A 221 -0.53 -4.43 7.82
C TYR A 221 0.44 -3.47 7.14
N GLY A 222 1.70 -3.89 7.02
CA GLY A 222 2.68 -3.15 6.26
C GLY A 222 4.07 -3.21 6.86
N GLY A 223 4.98 -2.41 6.30
CA GLY A 223 6.34 -2.33 6.80
C GLY A 223 6.40 -1.86 8.23
N TRP A 224 5.38 -1.13 8.68
CA TRP A 224 5.33 -0.70 10.09
C TRP A 224 5.09 -1.87 11.05
N GLU A 225 4.48 -2.95 10.56
CA GLU A 225 4.26 -4.10 11.41
C GLU A 225 5.58 -4.81 11.67
N GLY A 226 6.32 -5.10 10.59
CA GLY A 226 7.64 -5.67 10.75
C GLY A 226 8.52 -4.73 11.57
N GLY A 227 8.26 -3.42 11.44
CA GLY A 227 9.05 -2.44 12.14
C GLY A 227 8.87 -2.42 13.64
N LEU A 228 7.94 -3.21 14.16
CA LEU A 228 7.67 -3.25 15.60
C LEU A 228 8.78 -3.94 16.39
N ALA A 229 9.57 -4.79 15.74
CA ALA A 229 10.61 -5.53 16.45
C ALA A 229 11.59 -6.16 15.47
N GLU A 230 12.86 -6.23 15.88
CA GLU A 230 13.87 -6.92 15.10
C GLU A 230 13.42 -8.35 14.83
N GLY A 231 13.47 -8.77 13.57
CA GLY A 231 13.11 -10.13 13.19
C GLY A 231 11.64 -10.49 13.34
N TYR A 232 10.79 -9.47 13.40
CA TYR A 232 9.37 -9.68 13.65
C TYR A 232 8.72 -10.77 12.77
N PHE A 233 8.92 -10.67 11.46
CA PHE A 233 8.23 -11.56 10.53
C PHE A 233 8.68 -13.01 10.62
N LYS A 234 9.83 -13.25 11.26
CA LYS A 234 10.33 -14.60 11.46
C LYS A 234 9.92 -15.17 12.82
N LYS A 235 9.34 -14.34 13.67
CA LYS A 235 8.86 -14.79 14.99
C LYS A 235 7.63 -15.67 14.82
N ASP A 236 7.38 -16.55 15.78
CA ASP A 236 6.13 -17.30 15.77
C ASP A 236 4.98 -16.43 16.25
N THR A 237 3.77 -16.99 16.26
CA THR A 237 2.58 -16.20 16.59
C THR A 237 2.69 -15.55 17.96
N GLN A 238 3.10 -16.33 18.96
CA GLN A 238 3.26 -15.82 20.32
C GLN A 238 4.25 -14.66 20.34
N GLY A 239 5.33 -14.80 19.58
CA GLY A 239 6.36 -13.77 19.51
C GLY A 239 5.84 -12.49 18.91
N GLN A 240 4.98 -12.60 17.89
CA GLN A 240 4.41 -11.42 17.25
C GLN A 240 3.41 -10.74 18.18
N ILE A 241 2.62 -11.53 18.90
CA ILE A 241 1.72 -10.97 19.89
C ILE A 241 2.50 -10.17 20.93
N LYS A 242 3.58 -10.77 21.43
CA LYS A 242 4.42 -10.13 22.43
C LYS A 242 5.06 -8.84 21.88
N ALA A 243 5.52 -8.88 20.65
CA ALA A 243 6.12 -7.70 20.02
C ALA A 243 5.12 -6.54 19.93
N ARG A 244 3.88 -6.86 19.55
CA ARG A 244 2.83 -5.84 19.48
C ARG A 244 2.53 -5.26 20.86
N LEU A 245 2.35 -6.13 21.84
CA LEU A 245 2.01 -5.66 23.18
C LEU A 245 3.17 -4.89 23.81
N ASP A 246 4.41 -5.33 23.54
CA ASP A 246 5.58 -4.64 24.09
C ASP A 246 5.78 -3.27 23.47
N ALA A 247 5.25 -3.07 22.26
CA ALA A 247 5.40 -1.78 21.58
C ALA A 247 4.43 -0.73 22.09
N VAL A 248 3.39 -1.17 22.79
CA VAL A 248 2.38 -0.25 23.31
C VAL A 248 2.99 0.74 24.30
N GLN A 249 2.69 2.02 24.11
CA GLN A 249 3.09 3.05 25.07
C GLN A 249 1.86 3.40 25.90
N ALA A 250 1.93 3.14 27.20
CA ALA A 250 0.77 3.29 28.06
C ALA A 250 1.00 4.27 29.18
N TRP A 251 0.01 5.11 29.42
CA TRP A 251 -0.10 5.90 30.64
C TRP A 251 -0.06 4.95 31.83
N ASP A 252 0.63 5.35 32.90
CA ASP A 252 0.71 4.49 34.08
C ASP A 252 -0.49 4.66 35.02
N GLY A 253 -1.41 5.54 34.66
CA GLY A 253 -2.61 5.76 35.46
C GLY A 253 -2.42 6.75 36.60
N LYS A 254 -1.26 7.39 36.67
CA LYS A 254 -0.95 8.35 37.74
C LYS A 254 -0.86 9.79 37.22
N LEU A 255 -0.87 10.75 38.15
CA LEU A 255 -0.82 12.17 37.77
C LEU A 255 0.60 12.72 37.70
#